data_9JFQ
#
_entry.id   9JFQ
#
_cell.length_a   1.00
_cell.length_b   1.00
_cell.length_c   1.00
_cell.angle_alpha   90.00
_cell.angle_beta   90.00
_cell.angle_gamma   90.00
#
_symmetry.space_group_name_H-M   'P 1'
#
loop_
_entity.id
_entity.type
_entity.pdbx_description
1 polymer LaTranC
2 polymer 'DNA (42-MER)'
3 polymer 'RNA (195-MER)'
4 polymer 'DNA (42-MER)'
#
loop_
_entity_poly.entity_id
_entity_poly.type
_entity_poly.pdbx_seq_one_letter_code
_entity_poly.pdbx_strand_id
1 'polypeptide(L)'
;MSVSFSLNAKKIRLENYAMKMRLYPSPTQAEQMDKMFLALRLAYNMTFHEVFQQNPAVCGDPDEDGNVWPSYKKMANKTW
RKALIDQNPAIAEAPAAAITTNNGLFLSNGQKAWKTGMHNLPANKADRKDFRFYSLSKPRRSFAVQIPPDCIIPSDTNQK
VARIKLPKIDGAIKARGFNRKIWFGPDGKHTYEEALAAHELSNNLTVRVSKDTCGDYFICITFSQGKVKGDKPTWEFYQE
VRVSPIPEPIGLDVGIKDIAILNTGTKYENKQFKRDRAATLKKMSRQLSRRWGPANSAFRDYNKNIRAENRALEKAQQDP
GSSGVGPEAPVLKSVAQPSRRYLTIQKNRAKLERKIARRRDTYYHQVTAEVAGKSSLLAVETLRVKNMLQNHRLAFALSD
AAMSDFISKLKYKARRIQVPLVAIGTFQPSSQTCSVCGSINPAVKNLSIRVWTCPNCGTRHNRDINAAKNILAIAQNMLE
KKVPFADEALPDEKPPAAPVKKAARKPRDAVFPDHPDLVIRFSKELTQLNDPRYVIVNKATNQIVDNAQGAGYRSAAKAK
NCYKAKLAWSSKTNK
;
A
2 'polydeoxyribonucleotide'
;(DG)(DG)(DA)(DT)(DC)(DC)(DT)(DA)(DA)(DC)(DG)(DT)(DA)(DA)(DG)(DT)(DC)(DC)(DC)(DT)
(DC)(DC)(DT)(DA)(DC)(DT)(DG)(DT)(DG)(DT)(DT)(DT)(DG)(DA)(DA)(DA)(DA)(DT)(DC)(DC)
(DC)(DG)
;
C
3 'polyribonucleotide'
;GGUGGGAGGUCUGUCCCCACCAUGGGGUGCGAACCUUGUGUGCUCAUCAUUGCCGUGAGCGUUCGCACGUCCAAACGACC
AUAUCAUCGUUGCCCUGCGACCAUUCAGCGGCAAUCAAGACGCAGGCAUGAUAUGUAACCAUGCAUUGGAAAGUGCAUGG
AGCAGAAGAAACACAGUAGGAGGGACUUACGUUAG
;
F
4 'polydeoxyribonucleotide'
;(DC)(DG)(DG)(DG)(DA)(DT)(DT)(DT)(DT)(DC)(DA)(DA)(DA)(DC)(DA)(DC)(DA)(DG)(DT)(DA)
(DG)(DG)(DA)(DG)(DG)(DG)(DA)(DA)(DA)(DG)(DT)(DT)(DG)(DT)(DC)(DC)(DA)(DG)(DA)(DT)
(DC)(DC)
;
G
#
# COMPACT_ATOMS: atom_id res chain seq x y z
N SER A 6 23.66 -6.10 23.59
CA SER A 6 22.41 -6.13 24.34
C SER A 6 21.26 -5.58 23.50
N LEU A 7 21.33 -5.80 22.18
CA LEU A 7 20.30 -5.36 21.24
C LEU A 7 20.10 -3.84 21.34
N ASN A 8 21.20 -3.10 21.19
CA ASN A 8 21.17 -1.65 21.32
C ASN A 8 20.71 -1.00 20.03
N ALA A 9 20.13 0.19 20.16
CA ALA A 9 19.62 0.93 19.01
C ALA A 9 20.76 1.63 18.28
N LYS A 10 20.86 1.40 16.98
CA LYS A 10 21.93 1.94 16.14
C LYS A 10 21.32 2.83 15.07
N LYS A 11 21.78 4.08 15.01
CA LYS A 11 21.29 5.02 14.00
C LYS A 11 21.86 4.67 12.64
N ILE A 12 21.00 4.67 11.63
CA ILE A 12 21.39 4.35 10.25
C ILE A 12 20.74 5.35 9.30
N ARG A 13 21.53 5.81 8.33
CA ARG A 13 21.00 6.68 7.29
C ARG A 13 20.12 5.87 6.34
N LEU A 14 18.94 6.39 6.05
CA LEU A 14 18.00 5.72 5.17
C LEU A 14 17.60 6.64 4.03
N GLU A 15 17.26 6.04 2.89
CA GLU A 15 17.07 6.78 1.66
C GLU A 15 15.91 7.77 1.72
N ASN A 16 14.67 7.27 1.76
CA ASN A 16 13.47 8.10 1.69
C ASN A 16 12.49 7.61 2.75
N TYR A 17 12.48 8.26 3.92
CA TYR A 17 11.55 7.85 4.95
C TYR A 17 10.12 8.22 4.55
N ALA A 18 9.15 7.67 5.28
CA ALA A 18 7.75 8.05 5.13
C ALA A 18 7.09 7.86 6.49
N MET A 19 7.04 8.93 7.27
CA MET A 19 6.40 8.87 8.58
C MET A 19 4.93 8.51 8.43
N LYS A 20 4.47 7.57 9.25
CA LYS A 20 3.09 7.11 9.23
C LYS A 20 2.43 7.60 10.51
N MET A 21 1.45 8.48 10.37
CA MET A 21 0.78 9.12 11.49
C MET A 21 -0.71 8.86 11.38
N ARG A 22 -1.48 9.55 12.23
CA ARG A 22 -2.93 9.35 12.25
C ARG A 22 -3.54 10.69 12.64
N LEU A 23 -3.96 11.45 11.64
CA LEU A 23 -4.46 12.79 11.87
C LEU A 23 -5.79 12.76 12.58
N TYR A 24 -6.09 13.84 13.32
CA TYR A 24 -7.38 14.02 13.97
C TYR A 24 -7.98 15.32 13.45
N PRO A 25 -8.60 15.29 12.29
CA PRO A 25 -9.19 16.51 11.72
C PRO A 25 -10.59 16.78 12.24
N SER A 26 -10.83 17.98 12.73
CA SER A 26 -12.18 18.38 13.11
C SER A 26 -13.09 18.29 11.88
N PRO A 27 -14.37 17.96 12.07
CA PRO A 27 -15.27 17.68 10.94
C PRO A 27 -15.11 18.56 9.71
N THR A 28 -14.86 19.86 9.90
CA THR A 28 -14.64 20.74 8.75
C THR A 28 -13.37 20.34 7.99
N GLN A 29 -12.31 20.02 8.73
CA GLN A 29 -11.06 19.62 8.06
C GLN A 29 -11.22 18.29 7.33
N ALA A 30 -11.95 17.35 7.91
CA ALA A 30 -12.26 16.10 7.22
C ALA A 30 -13.08 16.36 5.96
N GLU A 31 -14.06 17.26 6.06
CA GLU A 31 -14.88 17.60 4.90
C GLU A 31 -14.01 18.18 3.79
N GLN A 32 -13.10 19.08 4.13
CA GLN A 32 -12.22 19.63 3.11
C GLN A 32 -11.31 18.57 2.50
N MET A 33 -10.79 17.66 3.32
CA MET A 33 -9.91 16.61 2.79
C MET A 33 -10.64 15.71 1.80
N ASP A 34 -11.85 15.24 2.16
CA ASP A 34 -12.52 14.35 1.21
C ASP A 34 -13.07 15.10 0.01
N LYS A 35 -13.36 16.41 0.16
CA LYS A 35 -13.70 17.20 -1.02
C LYS A 35 -12.49 17.34 -1.94
N MET A 36 -11.29 17.40 -1.38
CA MET A 36 -10.10 17.40 -2.23
C MET A 36 -9.88 16.06 -2.91
N PHE A 37 -10.19 14.96 -2.21
CA PHE A 37 -10.15 13.65 -2.86
C PHE A 37 -11.14 13.59 -4.02
N LEU A 38 -12.34 14.13 -3.82
CA LEU A 38 -13.33 14.20 -4.90
C LEU A 38 -12.83 15.07 -6.04
N ALA A 39 -12.16 16.17 -5.74
CA ALA A 39 -11.64 17.03 -6.80
C ALA A 39 -10.59 16.29 -7.62
N LEU A 40 -9.70 15.56 -6.97
CA LEU A 40 -8.71 14.77 -7.72
C LEU A 40 -9.39 13.71 -8.56
N ARG A 41 -10.41 13.03 -8.04
CA ARG A 41 -11.07 12.01 -8.84
C ARG A 41 -11.78 12.63 -10.03
N LEU A 42 -12.37 13.82 -9.85
CA LEU A 42 -13.05 14.46 -10.97
C LEU A 42 -12.06 14.94 -12.02
N ALA A 43 -10.87 15.39 -11.60
CA ALA A 43 -9.85 15.73 -12.58
C ALA A 43 -9.39 14.50 -13.35
N TYR A 44 -9.18 13.39 -12.64
CA TYR A 44 -8.86 12.12 -13.28
C TYR A 44 -9.91 11.73 -14.31
N ASN A 45 -11.18 11.74 -13.90
CA ASN A 45 -12.26 11.29 -14.77
C ASN A 45 -12.45 12.24 -15.95
N MET A 46 -12.46 13.55 -15.72
CA MET A 46 -12.66 14.50 -16.82
C MET A 46 -11.52 14.42 -17.81
N THR A 47 -10.27 14.36 -17.34
CA THR A 47 -9.15 14.26 -18.28
C THR A 47 -9.22 12.97 -19.08
N PHE A 48 -9.41 11.83 -18.40
CA PHE A 48 -9.30 10.57 -19.12
C PHE A 48 -10.59 10.19 -19.85
N HIS A 49 -11.67 10.92 -19.62
CA HIS A 49 -12.86 10.83 -20.46
C HIS A 49 -12.79 11.79 -21.64
N GLU A 50 -12.00 12.85 -21.52
CA GLU A 50 -11.75 13.76 -22.64
C GLU A 50 -10.66 13.26 -23.57
N VAL A 51 -9.76 12.41 -23.08
CA VAL A 51 -8.74 11.85 -23.95
C VAL A 51 -9.35 10.90 -24.97
N PHE A 52 -10.48 10.27 -24.64
CA PHE A 52 -11.13 9.36 -25.57
C PHE A 52 -12.04 10.06 -26.55
N GLN A 53 -12.38 11.33 -26.32
CA GLN A 53 -13.05 12.16 -27.30
C GLN A 53 -12.06 12.83 -28.25
N GLN A 54 -10.76 12.64 -28.03
CA GLN A 54 -9.70 13.28 -28.81
C GLN A 54 -9.82 14.80 -28.79
N ASN A 55 -9.69 15.35 -27.59
CA ASN A 55 -9.72 16.79 -27.40
C ASN A 55 -8.34 17.36 -27.69
N PRO A 56 -8.22 18.35 -28.58
CA PRO A 56 -6.88 18.87 -28.92
C PRO A 56 -6.16 19.53 -27.76
N ALA A 57 -6.86 19.95 -26.71
CA ALA A 57 -6.21 20.58 -25.57
C ALA A 57 -5.28 19.60 -24.85
N VAL A 58 -5.72 18.36 -24.69
CA VAL A 58 -5.00 17.36 -23.91
C VAL A 58 -4.04 16.55 -24.77
N CYS A 59 -4.50 16.09 -25.94
CA CYS A 59 -3.72 15.19 -26.76
C CYS A 59 -2.39 15.83 -27.16
N GLY A 60 -1.33 15.03 -27.13
CA GLY A 60 0.00 15.52 -27.45
C GLY A 60 0.19 15.82 -28.92
N ASP A 61 1.44 15.89 -29.36
CA ASP A 61 1.72 16.15 -30.76
C ASP A 61 1.39 14.92 -31.57
N PRO A 62 0.49 15.01 -32.55
CA PRO A 62 0.23 13.86 -33.43
C PRO A 62 1.51 13.46 -34.17
N ASP A 63 1.71 12.15 -34.29
CA ASP A 63 2.91 11.65 -34.95
C ASP A 63 2.68 11.58 -36.46
N GLU A 64 3.78 11.34 -37.19
CA GLU A 64 3.71 11.29 -38.65
C GLU A 64 2.83 10.16 -39.16
N ASP A 65 2.57 9.15 -38.33
CA ASP A 65 1.70 8.04 -38.72
C ASP A 65 0.22 8.36 -38.53
N GLY A 66 -0.11 9.53 -38.01
CA GLY A 66 -1.48 9.89 -37.71
C GLY A 66 -1.96 9.51 -36.33
N ASN A 67 -1.15 8.77 -35.57
CA ASN A 67 -1.53 8.40 -34.22
C ASN A 67 -1.49 9.61 -33.29
N VAL A 68 -2.31 9.56 -32.26
CA VAL A 68 -2.45 10.66 -31.31
C VAL A 68 -2.28 10.09 -29.90
N TRP A 69 -1.27 10.57 -29.18
CA TRP A 69 -1.02 10.17 -27.82
C TRP A 69 -1.28 11.30 -26.84
N PRO A 70 -1.56 10.99 -25.58
CA PRO A 70 -1.52 12.03 -24.54
C PRO A 70 -0.09 12.22 -24.06
N SER A 71 0.39 13.45 -24.15
CA SER A 71 1.70 13.84 -23.65
C SER A 71 1.52 14.61 -22.34
N TYR A 72 2.20 14.16 -21.29
CA TYR A 72 1.84 14.59 -19.95
C TYR A 72 2.37 15.97 -19.59
N LYS A 73 3.29 16.51 -20.40
CA LYS A 73 3.73 17.88 -20.16
C LYS A 73 2.69 18.89 -20.61
N LYS A 74 1.93 18.58 -21.67
CA LYS A 74 0.86 19.46 -22.12
C LYS A 74 -0.32 19.47 -21.18
N MET A 75 -0.36 18.56 -20.21
CA MET A 75 -1.54 18.25 -19.42
C MET A 75 -1.50 18.90 -18.04
N ALA A 76 -0.47 19.70 -17.75
CA ALA A 76 -0.19 20.24 -16.42
C ALA A 76 0.07 21.74 -16.48
N ASN A 77 -0.81 22.48 -17.14
CA ASN A 77 -0.74 23.93 -17.24
C ASN A 77 -1.98 24.56 -16.63
N LYS A 78 -1.92 25.89 -16.46
CA LYS A 78 -3.05 26.62 -15.89
C LYS A 78 -4.28 26.53 -16.78
N THR A 79 -4.10 26.66 -18.10
CA THR A 79 -5.24 26.73 -19.00
C THR A 79 -6.15 25.50 -18.86
N TRP A 80 -5.55 24.33 -18.66
CA TRP A 80 -6.37 23.14 -18.46
C TRP A 80 -7.18 23.23 -17.16
N ARG A 81 -6.55 23.68 -16.08
CA ARG A 81 -7.28 23.77 -14.82
C ARG A 81 -8.38 24.84 -14.88
N LYS A 82 -8.15 25.91 -15.64
CA LYS A 82 -9.19 26.94 -15.77
C LYS A 82 -10.32 26.49 -16.68
N ALA A 83 -10.02 25.68 -17.70
CA ALA A 83 -11.09 25.03 -18.45
C ALA A 83 -11.90 24.11 -17.53
N LEU A 84 -11.21 23.36 -16.68
CA LEU A 84 -11.90 22.45 -15.76
C LEU A 84 -12.79 23.22 -14.80
N ILE A 85 -12.30 24.33 -14.24
CA ILE A 85 -13.15 25.12 -13.35
C ILE A 85 -14.29 25.75 -14.12
N ASP A 86 -14.08 26.08 -15.40
CA ASP A 86 -15.17 26.60 -16.23
C ASP A 86 -16.28 25.56 -16.36
N GLN A 87 -15.92 24.30 -16.60
CA GLN A 87 -16.94 23.26 -16.75
C GLN A 87 -17.73 23.08 -15.46
N ASN A 88 -17.04 22.88 -14.34
CA ASN A 88 -17.69 22.61 -13.07
C ASN A 88 -16.95 23.31 -11.94
N PRO A 89 -17.65 23.73 -10.89
CA PRO A 89 -16.99 24.45 -9.79
C PRO A 89 -16.45 23.54 -8.69
N ALA A 90 -16.67 22.23 -8.77
CA ALA A 90 -16.20 21.28 -7.76
C ALA A 90 -14.87 20.65 -8.15
N ILE A 91 -14.02 21.39 -8.87
CA ILE A 91 -12.75 20.85 -9.35
C ILE A 91 -11.55 21.69 -8.96
N ALA A 92 -11.71 22.96 -8.61
CA ALA A 92 -10.59 23.78 -8.18
C ALA A 92 -10.20 23.56 -6.73
N GLU A 93 -11.06 22.90 -5.95
CA GLU A 93 -10.77 22.66 -4.54
C GLU A 93 -9.52 21.80 -4.34
N ALA A 94 -9.11 21.05 -5.35
CA ALA A 94 -7.87 20.32 -5.26
C ALA A 94 -6.70 21.30 -5.19
N PRO A 95 -5.65 20.97 -4.44
CA PRO A 95 -4.46 21.81 -4.44
C PRO A 95 -3.84 21.87 -5.83
N ALA A 96 -3.36 23.05 -6.20
CA ALA A 96 -2.68 23.17 -7.49
C ALA A 96 -1.45 22.28 -7.55
N ALA A 97 -0.71 22.20 -6.45
CA ALA A 97 0.49 21.36 -6.42
C ALA A 97 0.14 19.88 -6.37
N ALA A 98 -1.10 19.53 -6.02
CA ALA A 98 -1.53 18.13 -6.00
C ALA A 98 -1.82 17.58 -7.39
N ILE A 99 -1.94 18.44 -8.40
CA ILE A 99 -2.36 18.04 -9.73
C ILE A 99 -1.22 18.14 -10.73
N THR A 100 -0.45 19.23 -10.71
CA THR A 100 0.53 19.47 -11.75
C THR A 100 1.95 19.01 -11.39
N THR A 101 2.27 18.87 -10.11
CA THR A 101 3.66 18.63 -9.72
C THR A 101 4.09 17.21 -10.09
N ASN A 102 5.40 16.98 -9.96
CA ASN A 102 6.00 15.69 -10.29
C ASN A 102 5.47 14.56 -9.44
N ASN A 103 4.93 14.85 -8.25
CA ASN A 103 4.40 13.86 -7.34
C ASN A 103 2.92 14.10 -7.09
N GLY A 104 2.22 14.54 -8.13
CA GLY A 104 0.82 14.90 -8.01
C GLY A 104 -0.11 13.92 -8.68
N LEU A 105 -1.11 14.43 -9.39
CA LEU A 105 -2.16 13.61 -9.98
C LEU A 105 -1.88 13.20 -11.42
N PHE A 106 -0.86 13.76 -12.06
CA PHE A 106 -0.79 13.54 -13.51
C PHE A 106 0.59 13.10 -14.00
N LEU A 107 1.64 13.38 -13.23
CA LEU A 107 2.95 12.83 -13.51
C LEU A 107 3.30 11.70 -12.55
N SER A 108 2.37 11.31 -11.69
CA SER A 108 2.62 10.23 -10.75
C SER A 108 1.57 9.14 -10.82
N ASN A 109 0.30 9.49 -11.04
CA ASN A 109 -0.77 8.51 -11.10
C ASN A 109 -1.25 8.24 -12.53
N GLY A 110 -1.65 9.29 -13.25
CA GLY A 110 -2.08 9.09 -14.63
C GLY A 110 -0.98 8.50 -15.50
N GLN A 111 0.27 8.91 -15.27
CA GLN A 111 1.36 8.38 -16.06
C GLN A 111 1.50 6.87 -15.88
N LYS A 112 1.58 6.42 -14.64
CA LYS A 112 1.68 4.99 -14.38
C LYS A 112 0.45 4.25 -14.86
N ALA A 113 -0.73 4.85 -14.70
CA ALA A 113 -1.97 4.19 -15.08
C ALA A 113 -2.04 3.96 -16.58
N TRP A 114 -1.72 4.97 -17.38
CA TRP A 114 -1.72 4.77 -18.83
C TRP A 114 -0.55 3.92 -19.27
N LYS A 115 0.56 3.92 -18.52
CA LYS A 115 1.69 3.08 -18.90
C LYS A 115 1.45 1.61 -18.58
N THR A 116 0.56 1.30 -17.63
CA THR A 116 0.36 -0.07 -17.21
C THR A 116 -0.99 -0.64 -17.69
N GLY A 117 -2.10 0.02 -17.36
CA GLY A 117 -3.39 -0.51 -17.74
C GLY A 117 -3.62 -0.52 -19.24
N MET A 118 -3.33 0.61 -19.91
CA MET A 118 -3.59 0.76 -21.33
C MET A 118 -2.36 0.52 -22.17
N HIS A 119 -1.30 -0.04 -21.59
CA HIS A 119 -0.17 -0.59 -22.33
C HIS A 119 0.58 0.48 -23.12
N ASN A 120 0.41 1.74 -22.73
CA ASN A 120 1.03 2.87 -23.41
C ASN A 120 0.66 2.91 -24.89
N LEU A 121 -0.63 2.78 -25.16
CA LEU A 121 -1.16 2.83 -26.50
C LEU A 121 -1.88 4.16 -26.75
N PRO A 122 -1.89 4.66 -27.98
CA PRO A 122 -2.51 5.96 -28.24
C PRO A 122 -4.01 5.92 -28.04
N ALA A 123 -4.57 7.09 -27.72
CA ALA A 123 -5.99 7.19 -27.38
C ALA A 123 -6.91 6.84 -28.55
N ASN A 124 -6.40 6.85 -29.78
CA ASN A 124 -7.23 6.45 -30.92
C ASN A 124 -7.28 4.94 -31.11
N LYS A 125 -6.24 4.22 -30.67
CA LYS A 125 -6.21 2.77 -30.76
C LYS A 125 -6.62 2.07 -29.46
N ALA A 126 -6.22 2.62 -28.31
CA ALA A 126 -6.47 1.96 -27.03
C ALA A 126 -7.96 1.91 -26.73
N ASP A 127 -8.36 0.84 -26.04
CA ASP A 127 -9.75 0.60 -25.71
C ASP A 127 -10.12 1.30 -24.41
N ARG A 128 -11.41 1.57 -24.24
CA ARG A 128 -11.89 2.29 -23.07
C ARG A 128 -12.35 1.38 -21.95
N LYS A 129 -13.17 0.36 -22.26
CA LYS A 129 -13.84 -0.41 -21.23
C LYS A 129 -12.88 -1.25 -20.39
N ASP A 130 -11.62 -1.39 -20.81
CA ASP A 130 -10.61 -2.09 -20.03
C ASP A 130 -9.79 -1.17 -19.13
N PHE A 131 -10.13 0.11 -19.08
CA PHE A 131 -9.44 1.08 -18.22
C PHE A 131 -10.38 1.48 -17.09
N ARG A 132 -9.86 1.45 -15.86
CA ARG A 132 -10.66 1.64 -14.66
C ARG A 132 -10.55 3.09 -14.18
N PHE A 133 -11.68 3.77 -14.10
CA PHE A 133 -11.74 5.16 -13.67
C PHE A 133 -11.93 5.25 -12.17
N TYR A 134 -12.25 6.44 -11.67
CA TYR A 134 -12.57 6.65 -10.27
C TYR A 134 -14.08 6.77 -10.11
N SER A 135 -14.63 6.00 -9.18
CA SER A 135 -16.05 6.01 -8.90
C SER A 135 -16.24 5.50 -7.48
N LEU A 136 -17.48 5.14 -7.13
CA LEU A 136 -17.75 4.60 -5.80
C LEU A 136 -16.96 3.34 -5.52
N SER A 137 -16.53 2.61 -6.56
CA SER A 137 -15.70 1.43 -6.35
C SER A 137 -14.30 1.80 -5.89
N LYS A 138 -13.67 2.76 -6.57
CA LYS A 138 -12.29 3.17 -6.27
C LYS A 138 -12.19 4.68 -6.22
N PRO A 139 -12.60 5.28 -5.11
CA PRO A 139 -12.38 6.73 -4.93
C PRO A 139 -10.89 7.04 -4.77
N ARG A 140 -10.58 8.32 -4.84
CA ARG A 140 -9.18 8.79 -4.83
C ARG A 140 -8.69 8.84 -3.39
N ARG A 141 -7.80 7.92 -3.03
CA ARG A 141 -7.26 7.87 -1.67
C ARG A 141 -5.84 8.44 -1.58
N SER A 142 -5.70 9.73 -1.90
CA SER A 142 -4.44 10.45 -1.69
C SER A 142 -4.59 11.89 -2.17
N PHE A 143 -3.65 12.74 -1.75
CA PHE A 143 -3.26 13.96 -2.47
C PHE A 143 -1.98 14.49 -1.84
N ALA A 144 -0.98 14.81 -2.66
CA ALA A 144 0.37 15.08 -2.18
C ALA A 144 0.71 16.56 -2.33
N VAL A 145 0.34 17.36 -1.34
CA VAL A 145 0.70 18.77 -1.32
C VAL A 145 2.16 18.90 -0.91
N GLN A 146 2.72 20.10 -1.07
CA GLN A 146 4.07 20.41 -0.62
C GLN A 146 3.99 21.51 0.41
N ILE A 147 4.49 21.24 1.62
CA ILE A 147 4.34 22.17 2.74
C ILE A 147 5.71 22.52 3.26
N PRO A 148 5.84 23.63 3.98
CA PRO A 148 7.09 23.93 4.67
C PRO A 148 7.07 23.39 6.09
N PRO A 149 8.24 23.10 6.67
CA PRO A 149 8.27 22.66 8.08
C PRO A 149 7.60 23.64 9.02
N ASP A 150 7.46 24.90 8.63
CA ASP A 150 6.71 25.87 9.44
C ASP A 150 5.29 25.39 9.73
N CYS A 151 4.71 24.63 8.82
CA CYS A 151 3.40 24.02 9.05
C CYS A 151 3.48 22.69 9.78
N ILE A 152 4.69 22.16 10.00
CA ILE A 152 4.88 20.94 10.76
C ILE A 152 5.48 21.29 12.11
N ILE A 153 4.63 21.50 13.11
CA ILE A 153 5.07 21.95 14.42
C ILE A 153 4.78 20.86 15.46
N PRO A 154 5.80 20.22 16.01
CA PRO A 154 5.56 19.21 17.04
C PRO A 154 5.09 19.79 18.36
N SER A 155 4.85 18.92 19.32
CA SER A 155 4.57 19.31 20.70
C SER A 155 5.72 18.83 21.58
N ASP A 156 6.10 19.66 22.55
CA ASP A 156 7.19 19.32 23.45
C ASP A 156 6.70 18.86 24.83
N THR A 157 5.49 19.25 25.24
CA THR A 157 4.92 18.70 26.45
C THR A 157 4.73 17.19 26.32
N ASN A 158 4.23 16.75 25.17
CA ASN A 158 4.27 15.35 24.79
C ASN A 158 5.51 15.08 23.93
N GLN A 159 5.69 13.81 23.58
CA GLN A 159 6.83 13.39 22.75
C GLN A 159 6.40 12.58 21.54
N LYS A 160 5.12 12.65 21.17
CA LYS A 160 4.65 11.92 19.99
C LYS A 160 3.61 12.66 19.17
N VAL A 161 3.27 13.91 19.52
CA VAL A 161 2.17 14.62 18.89
C VAL A 161 2.72 15.77 18.06
N ALA A 162 1.93 16.21 17.08
CA ALA A 162 2.34 17.25 16.16
C ALA A 162 1.25 18.31 16.05
N ARG A 163 1.47 19.25 15.14
CA ARG A 163 0.47 20.20 14.71
C ARG A 163 0.72 20.47 13.23
N ILE A 164 -0.10 19.87 12.37
CA ILE A 164 0.08 19.96 10.93
C ILE A 164 -1.09 20.75 10.35
N LYS A 165 -0.78 21.86 9.69
CA LYS A 165 -1.77 22.63 8.94
C LYS A 165 -1.41 22.54 7.46
N LEU A 166 -2.31 21.93 6.69
CA LEU A 166 -2.10 21.68 5.28
C LEU A 166 -2.50 22.90 4.44
N PRO A 167 -2.07 22.99 3.19
CA PRO A 167 -2.51 24.09 2.34
C PRO A 167 -4.01 24.05 2.13
N LYS A 168 -4.60 25.23 1.96
CA LYS A 168 -6.02 25.43 1.67
C LYS A 168 -6.93 25.03 2.82
N ILE A 169 -6.38 24.55 3.93
CA ILE A 169 -7.19 24.09 5.06
C ILE A 169 -6.76 24.85 6.32
N ASP A 170 -7.71 25.03 7.24
CA ASP A 170 -7.49 25.83 8.43
C ASP A 170 -7.74 24.99 9.67
N GLY A 171 -6.86 25.11 10.66
CA GLY A 171 -7.10 24.48 11.94
C GLY A 171 -5.92 23.78 12.56
N ALA A 172 -4.84 23.57 11.80
CA ALA A 172 -3.63 22.90 12.29
C ALA A 172 -3.96 21.51 12.82
N ILE A 173 -4.37 20.65 11.88
CA ILE A 173 -4.81 19.29 12.20
C ILE A 173 -3.78 18.60 13.09
N LYS A 174 -4.28 18.00 14.17
CA LYS A 174 -3.43 17.37 15.19
C LYS A 174 -3.01 15.98 14.74
N ALA A 175 -1.75 15.84 14.36
CA ALA A 175 -1.22 14.51 14.10
C ALA A 175 -1.00 13.77 15.41
N ARG A 176 -0.53 12.53 15.33
CA ARG A 176 -0.25 11.73 16.51
C ARG A 176 0.76 10.65 16.15
N GLY A 177 1.64 10.37 17.10
CA GLY A 177 2.57 9.27 16.93
C GLY A 177 3.73 9.55 16.02
N PHE A 178 4.63 10.44 16.45
CA PHE A 178 5.91 10.57 15.76
C PHE A 178 6.71 9.28 15.85
N ASN A 179 7.47 8.99 14.81
CA ASN A 179 8.53 7.97 14.88
C ASN A 179 9.77 8.68 15.39
N ARG A 180 9.78 8.96 16.69
CA ARG A 180 10.85 9.77 17.27
C ARG A 180 12.21 9.10 17.20
N LYS A 181 12.27 7.82 16.87
CA LYS A 181 13.57 7.20 16.67
C LYS A 181 14.22 7.63 15.37
N ILE A 182 13.70 8.64 14.68
CA ILE A 182 14.38 9.27 13.56
C ILE A 182 15.15 10.47 14.09
N TRP A 183 16.33 10.70 13.54
CA TRP A 183 17.19 11.78 14.00
C TRP A 183 17.72 12.56 12.81
N PHE A 184 17.76 13.88 12.96
CA PHE A 184 18.10 14.80 11.88
C PHE A 184 19.53 15.30 12.06
N GLY A 185 19.96 16.14 11.13
CA GLY A 185 21.30 16.68 11.16
C GLY A 185 22.29 15.74 10.51
N PRO A 186 23.56 16.16 10.44
CA PRO A 186 24.56 15.35 9.73
C PRO A 186 24.86 14.01 10.39
N ASP A 187 24.91 13.96 11.73
CA ASP A 187 25.21 12.73 12.44
C ASP A 187 24.02 12.21 13.24
N GLY A 188 22.82 12.68 12.94
CA GLY A 188 21.63 12.19 13.63
C GLY A 188 21.63 12.49 15.11
N LYS A 189 21.95 13.72 15.50
CA LYS A 189 21.98 14.12 16.90
C LYS A 189 21.09 15.32 17.19
N HIS A 190 20.06 15.53 16.38
CA HIS A 190 19.14 16.65 16.56
C HIS A 190 17.71 16.14 16.55
N THR A 191 16.86 16.76 17.36
CA THR A 191 15.43 16.54 17.25
C THR A 191 14.87 17.40 16.12
N TYR A 192 13.57 17.26 15.86
CA TYR A 192 12.97 17.96 14.73
C TYR A 192 13.09 19.47 14.90
N GLU A 193 12.81 19.97 16.10
CA GLU A 193 12.87 21.41 16.33
C GLU A 193 14.28 21.94 16.15
N GLU A 194 15.29 21.16 16.57
CA GLU A 194 16.68 21.61 16.42
C GLU A 194 17.07 21.74 14.95
N ALA A 195 16.69 20.76 14.13
CA ALA A 195 17.04 20.83 12.71
C ALA A 195 16.22 21.87 11.98
N LEU A 196 14.96 22.09 12.38
CA LEU A 196 14.17 23.17 11.81
C LEU A 196 14.78 24.52 12.14
N ALA A 197 15.26 24.69 13.37
CA ALA A 197 15.91 25.95 13.76
C ALA A 197 17.31 26.08 13.17
N ALA A 198 18.02 24.97 12.99
CA ALA A 198 19.38 25.01 12.45
C ALA A 198 19.42 24.99 10.93
N HIS A 199 18.27 24.84 10.27
CA HIS A 199 18.16 24.89 8.81
C HIS A 199 19.04 23.83 8.14
N GLU A 200 18.72 22.57 8.44
CA GLU A 200 19.29 21.42 7.75
C GLU A 200 18.18 20.53 7.19
N LEU A 201 17.07 21.13 6.78
CA LEU A 201 15.89 20.42 6.36
C LEU A 201 15.36 21.00 5.05
N SER A 202 14.55 20.20 4.35
CA SER A 202 13.95 20.64 3.11
C SER A 202 12.90 21.72 3.36
N ASN A 203 12.55 22.43 2.31
CA ASN A 203 11.54 23.48 2.39
C ASN A 203 10.15 22.94 2.06
N ASN A 204 9.98 22.40 0.85
CA ASN A 204 8.68 21.87 0.43
C ASN A 204 8.68 20.37 0.68
N LEU A 205 7.98 19.94 1.72
CA LEU A 205 7.90 18.53 2.08
C LEU A 205 6.60 17.93 1.56
N THR A 206 6.67 16.67 1.16
CA THR A 206 5.52 15.96 0.58
C THR A 206 4.78 15.23 1.69
N VAL A 207 3.51 15.57 1.87
CA VAL A 207 2.63 14.84 2.77
C VAL A 207 1.50 14.21 1.95
N ARG A 208 1.47 12.89 1.91
CA ARG A 208 0.57 12.15 1.03
C ARG A 208 -0.62 11.68 1.86
N VAL A 209 -1.58 12.58 2.03
CA VAL A 209 -2.68 12.37 2.96
C VAL A 209 -3.62 11.31 2.40
N SER A 210 -3.51 10.08 2.89
CA SER A 210 -4.29 8.96 2.37
C SER A 210 -5.28 8.49 3.42
N LYS A 211 -6.56 8.52 3.08
CA LYS A 211 -7.61 8.02 3.95
C LYS A 211 -7.80 6.53 3.74
N ASP A 212 -7.95 5.79 4.84
CA ASP A 212 -8.08 4.34 4.77
C ASP A 212 -9.53 3.96 4.48
N THR A 213 -9.82 2.65 4.51
CA THR A 213 -11.15 2.17 4.13
C THR A 213 -12.23 2.74 5.05
N CYS A 214 -12.05 2.57 6.35
CA CYS A 214 -12.84 3.34 7.30
C CYS A 214 -12.27 4.76 7.40
N GLY A 215 -13.08 5.67 7.93
CA GLY A 215 -12.57 7.01 8.09
C GLY A 215 -11.42 7.04 9.07
N ASP A 216 -10.20 7.12 8.55
CA ASP A 216 -8.99 7.14 9.36
C ASP A 216 -7.97 7.96 8.57
N TYR A 217 -7.93 9.26 8.84
CA TYR A 217 -7.25 10.20 7.96
C TYR A 217 -5.74 10.13 8.21
N PHE A 218 -5.15 9.06 7.70
CA PHE A 218 -3.71 8.89 7.80
C PHE A 218 -3.00 9.94 6.96
N ILE A 219 -1.82 10.34 7.42
CA ILE A 219 -0.96 11.25 6.69
C ILE A 219 0.40 10.58 6.58
N CYS A 220 1.16 10.98 5.56
CA CYS A 220 2.47 10.39 5.31
C CYS A 220 3.43 11.54 5.01
N ILE A 221 4.14 11.99 6.04
CA ILE A 221 5.01 13.16 5.87
C ILE A 221 6.34 12.66 5.34
N THR A 222 6.39 12.45 4.02
CA THR A 222 7.52 11.79 3.40
C THR A 222 8.75 12.68 3.42
N PHE A 223 9.92 12.07 3.59
CA PHE A 223 11.19 12.75 3.45
C PHE A 223 11.86 12.26 2.16
N SER A 224 13.07 12.74 1.92
CA SER A 224 13.78 12.33 0.71
C SER A 224 15.23 12.76 0.79
N GLN A 225 15.98 12.36 -0.24
CA GLN A 225 17.32 12.87 -0.54
C GLN A 225 17.25 13.28 -2.01
N GLY A 226 16.80 14.50 -2.27
CA GLY A 226 16.44 14.89 -3.63
C GLY A 226 17.60 14.75 -4.60
N LYS A 227 18.76 15.26 -4.23
CA LYS A 227 19.96 15.14 -5.04
C LYS A 227 21.10 14.64 -4.17
N VAL A 228 21.77 13.58 -4.62
CA VAL A 228 22.81 12.92 -3.86
C VAL A 228 24.09 12.98 -4.68
N LYS A 229 24.26 14.07 -5.44
CA LYS A 229 25.43 14.27 -6.28
C LYS A 229 26.70 13.94 -5.52
N GLY A 230 27.52 13.07 -6.09
CA GLY A 230 28.67 12.54 -5.39
C GLY A 230 28.27 11.46 -4.40
N ASP A 231 28.38 11.78 -3.11
CA ASP A 231 27.91 10.89 -2.05
C ASP A 231 27.05 11.58 -1.01
N LYS A 232 27.23 12.87 -0.78
CA LYS A 232 26.43 13.57 0.21
C LYS A 232 25.05 13.89 -0.35
N PRO A 233 23.98 13.45 0.28
CA PRO A 233 22.64 13.81 -0.20
C PRO A 233 22.34 15.27 0.08
N THR A 234 21.35 15.80 -0.66
CA THR A 234 20.92 17.17 -0.43
C THR A 234 20.43 17.37 1.00
N TRP A 235 19.83 16.34 1.59
CA TRP A 235 19.38 16.39 2.98
C TRP A 235 19.86 15.14 3.69
N GLU A 236 20.04 15.25 5.00
CA GLU A 236 20.58 14.17 5.80
C GLU A 236 19.74 14.00 7.06
N PHE A 237 19.42 12.75 7.38
CA PHE A 237 18.75 12.40 8.63
C PHE A 237 18.95 10.93 8.89
N TYR A 238 18.90 10.55 10.17
CA TYR A 238 19.18 9.19 10.59
C TYR A 238 17.96 8.60 11.31
N GLN A 239 17.99 7.28 11.45
CA GLN A 239 16.95 6.53 12.14
C GLN A 239 17.61 5.37 12.89
N GLU A 240 17.18 5.14 14.13
CA GLU A 240 17.82 4.16 14.99
C GLU A 240 16.95 2.92 15.15
N VAL A 241 17.54 1.76 14.92
CA VAL A 241 16.92 0.47 15.15
C VAL A 241 17.91 -0.40 15.92
N ARG A 242 17.38 -1.43 16.57
CA ARG A 242 18.17 -2.26 17.47
C ARG A 242 18.66 -3.51 16.74
N VAL A 243 19.95 -3.81 16.89
CA VAL A 243 20.61 -4.91 16.23
C VAL A 243 21.28 -5.78 17.27
N SER A 244 21.24 -7.08 17.05
CA SER A 244 21.81 -8.02 18.01
C SER A 244 23.31 -7.75 18.18
N PRO A 245 23.84 -7.87 19.40
CA PRO A 245 25.28 -7.60 19.59
C PRO A 245 26.18 -8.48 18.76
N ILE A 246 25.82 -9.75 18.57
CA ILE A 246 26.63 -10.66 17.78
C ILE A 246 25.73 -11.32 16.73
N PRO A 247 25.54 -10.69 15.57
CA PRO A 247 24.74 -11.31 14.51
C PRO A 247 25.45 -12.51 13.90
N GLU A 248 24.65 -13.45 13.42
CA GLU A 248 25.14 -14.66 12.76
C GLU A 248 24.29 -14.93 11.54
N PRO A 249 24.81 -15.67 10.55
CA PRO A 249 23.99 -16.03 9.39
C PRO A 249 22.77 -16.84 9.81
N ILE A 250 21.64 -16.57 9.17
CA ILE A 250 20.35 -17.14 9.54
C ILE A 250 19.66 -17.68 8.30
N GLY A 251 19.16 -18.91 8.39
CA GLY A 251 18.30 -19.48 7.37
C GLY A 251 16.90 -19.67 7.93
N LEU A 252 15.90 -19.28 7.13
CA LEU A 252 14.52 -19.26 7.56
C LEU A 252 13.71 -20.33 6.83
N ASP A 253 12.79 -20.95 7.55
CA ASP A 253 11.89 -21.95 6.99
C ASP A 253 10.46 -21.65 7.43
N VAL A 254 9.50 -22.07 6.61
CA VAL A 254 8.09 -21.85 6.88
C VAL A 254 7.36 -23.18 6.78
N GLY A 255 6.51 -23.47 7.77
CA GLY A 255 5.72 -24.69 7.79
C GLY A 255 4.23 -24.40 7.71
N ILE A 256 3.47 -25.46 7.49
CA ILE A 256 2.01 -25.33 7.41
C ILE A 256 1.45 -24.86 8.73
N LYS A 257 1.91 -25.44 9.84
CA LYS A 257 1.46 -25.08 11.17
C LYS A 257 2.21 -23.90 11.75
N ASP A 258 3.14 -23.31 10.99
CA ASP A 258 4.00 -22.24 11.48
C ASP A 258 3.84 -21.03 10.56
N ILE A 259 4.65 -20.01 10.83
CA ILE A 259 4.67 -18.83 9.96
C ILE A 259 6.13 -18.60 9.62
N ALA A 260 7.04 -19.08 10.46
CA ALA A 260 8.48 -18.94 10.24
C ALA A 260 9.22 -19.81 11.23
N ILE A 261 10.28 -20.46 10.74
CA ILE A 261 11.19 -21.22 11.58
C ILE A 261 12.61 -20.83 11.19
N LEU A 262 13.43 -20.49 12.18
CA LEU A 262 14.80 -20.05 11.94
C LEU A 262 15.79 -21.19 12.20
N ASN A 263 16.93 -21.13 11.53
CA ASN A 263 17.95 -22.16 11.69
C ASN A 263 18.51 -22.20 13.11
N THR A 264 18.36 -21.12 13.87
CA THR A 264 18.80 -21.14 15.26
C THR A 264 18.01 -22.14 16.09
N GLY A 265 16.70 -22.22 15.85
CA GLY A 265 15.86 -23.14 16.59
C GLY A 265 14.53 -22.55 16.98
N THR A 266 14.44 -21.22 16.98
CA THR A 266 13.20 -20.55 17.34
C THR A 266 12.13 -20.79 16.27
N LYS A 267 10.89 -20.86 16.72
CA LYS A 267 9.75 -21.13 15.87
C LYS A 267 8.64 -20.13 16.17
N TYR A 268 8.05 -19.57 15.13
CA TYR A 268 7.01 -18.57 15.26
C TYR A 268 5.67 -19.15 14.83
N GLU A 269 4.63 -18.85 15.60
CA GLU A 269 3.30 -19.41 15.38
C GLU A 269 2.42 -18.41 14.63
N ASN A 270 1.87 -18.84 13.51
CA ASN A 270 0.89 -18.04 12.78
C ASN A 270 -0.44 -18.08 13.51
N LYS A 271 -0.82 -16.96 14.13
CA LYS A 271 -2.12 -16.89 14.79
C LYS A 271 -3.24 -17.20 13.82
N GLN A 272 -3.08 -16.81 12.55
CA GLN A 272 -4.00 -17.15 11.48
C GLN A 272 -5.42 -16.69 11.83
N PHE A 273 -5.57 -15.36 11.91
CA PHE A 273 -6.80 -14.77 12.40
C PHE A 273 -7.99 -15.02 11.49
N LYS A 274 -7.75 -15.41 10.23
CA LYS A 274 -8.84 -15.55 9.27
C LYS A 274 -9.85 -16.59 9.73
N ARG A 275 -9.39 -17.77 10.12
CA ARG A 275 -10.28 -18.78 10.66
C ARG A 275 -10.71 -18.46 12.09
N ASP A 276 -9.89 -17.70 12.83
CA ASP A 276 -10.22 -17.40 14.22
C ASP A 276 -11.53 -16.61 14.33
N ARG A 277 -11.70 -15.61 13.47
CA ARG A 277 -12.93 -14.83 13.42
C ARG A 277 -13.84 -15.26 12.29
N ALA A 278 -13.57 -16.42 11.69
CA ALA A 278 -14.37 -16.89 10.55
C ALA A 278 -15.83 -17.09 10.94
N ALA A 279 -16.11 -17.49 12.17
CA ALA A 279 -17.50 -17.63 12.61
C ALA A 279 -18.20 -16.28 12.61
N THR A 280 -17.62 -15.29 13.27
CA THR A 280 -18.18 -13.94 13.24
C THR A 280 -18.16 -13.37 11.83
N LEU A 281 -17.15 -13.77 11.04
CA LEU A 281 -17.09 -13.34 9.65
C LEU A 281 -18.32 -13.80 8.88
N LYS A 282 -18.69 -15.08 9.04
CA LYS A 282 -19.88 -15.60 8.37
C LYS A 282 -21.14 -14.95 8.95
N LYS A 283 -21.16 -14.74 10.26
CA LYS A 283 -22.26 -14.00 10.88
C LYS A 283 -22.52 -12.69 10.15
N MET A 284 -21.52 -11.83 10.07
CA MET A 284 -21.74 -10.54 9.43
C MET A 284 -21.90 -10.65 7.92
N SER A 285 -21.31 -11.68 7.30
CA SER A 285 -21.46 -11.86 5.86
C SER A 285 -22.91 -12.11 5.50
N ARG A 286 -23.53 -13.09 6.17
CA ARG A 286 -24.96 -13.30 5.93
C ARG A 286 -25.80 -12.19 6.54
N GLN A 287 -25.24 -11.39 7.45
CA GLN A 287 -25.94 -10.20 7.92
C GLN A 287 -26.11 -9.19 6.80
N LEU A 288 -25.01 -8.76 6.19
CA LEU A 288 -25.15 -7.75 5.13
C LEU A 288 -25.71 -8.35 3.85
N SER A 289 -25.59 -9.67 3.67
CA SER A 289 -26.20 -10.31 2.51
C SER A 289 -27.73 -10.29 2.56
N ARG A 290 -28.31 -9.90 3.70
CA ARG A 290 -29.75 -9.73 3.82
C ARG A 290 -30.13 -8.33 4.28
N ARG A 291 -29.20 -7.37 4.20
CA ARG A 291 -29.51 -5.99 4.56
C ARG A 291 -30.23 -5.31 3.39
N TRP A 292 -30.35 -3.98 3.45
CA TRP A 292 -31.15 -3.22 2.49
C TRP A 292 -30.33 -2.18 1.75
N GLY A 293 -29.15 -2.57 1.26
CA GLY A 293 -28.33 -1.68 0.48
C GLY A 293 -27.52 -2.43 -0.56
N PRO A 294 -26.35 -1.88 -0.94
CA PRO A 294 -25.49 -2.59 -1.89
C PRO A 294 -24.92 -3.87 -1.32
N ALA A 295 -24.20 -4.64 -2.14
CA ALA A 295 -23.61 -5.92 -1.73
C ALA A 295 -24.66 -6.84 -1.12
N ASN A 296 -25.83 -6.87 -1.75
CA ASN A 296 -26.99 -7.56 -1.20
C ASN A 296 -27.59 -8.59 -2.15
N SER A 297 -27.58 -8.31 -3.46
CA SER A 297 -28.27 -9.05 -4.51
C SER A 297 -29.79 -8.93 -4.40
N ALA A 298 -30.31 -8.18 -3.43
CA ALA A 298 -31.74 -7.93 -3.31
C ALA A 298 -32.09 -6.44 -3.33
N PHE A 299 -31.11 -5.56 -3.17
CA PHE A 299 -31.31 -4.11 -3.32
C PHE A 299 -30.58 -3.53 -4.52
N ARG A 300 -29.56 -4.22 -5.01
CA ARG A 300 -28.95 -3.75 -6.22
C ARG A 300 -30.03 -3.78 -7.30
N ASP A 301 -30.71 -4.92 -7.43
CA ASP A 301 -31.72 -5.03 -8.48
C ASP A 301 -32.74 -3.91 -8.39
N TYR A 302 -33.12 -3.53 -7.18
CA TYR A 302 -34.03 -2.40 -6.99
C TYR A 302 -33.39 -1.11 -7.51
N ASN A 303 -32.10 -0.91 -7.20
CA ASN A 303 -31.40 0.28 -7.67
C ASN A 303 -31.29 0.30 -9.20
N LYS A 304 -30.97 -0.84 -9.80
CA LYS A 304 -30.89 -0.92 -11.25
C LYS A 304 -32.25 -0.65 -11.89
N ASN A 305 -33.32 -1.21 -11.29
CA ASN A 305 -34.66 -0.99 -11.81
C ASN A 305 -35.03 0.49 -11.76
N ILE A 306 -34.77 1.15 -10.63
CA ILE A 306 -35.17 2.54 -10.51
C ILE A 306 -34.32 3.42 -11.42
N ARG A 307 -33.03 3.11 -11.57
CA ARG A 307 -32.20 3.88 -12.50
C ARG A 307 -32.66 3.69 -13.94
N ALA A 308 -33.01 2.46 -14.32
CA ALA A 308 -33.47 2.19 -15.68
C ALA A 308 -34.78 2.90 -15.97
N GLU A 309 -35.73 2.83 -15.03
CA GLU A 309 -36.99 3.54 -15.25
C GLU A 309 -36.79 5.04 -15.25
N ASN A 310 -35.85 5.55 -14.44
CA ASN A 310 -35.55 6.98 -14.45
C ASN A 310 -35.04 7.43 -15.81
N ARG A 311 -34.04 6.72 -16.35
CA ARG A 311 -33.50 7.10 -17.65
C ARG A 311 -34.54 6.94 -18.75
N ALA A 312 -35.35 5.87 -18.69
CA ALA A 312 -36.36 5.66 -19.71
C ALA A 312 -37.41 6.76 -19.69
N LEU A 313 -37.89 7.13 -18.50
CA LEU A 313 -38.89 8.18 -18.41
C LEU A 313 -38.30 9.54 -18.80
N GLU A 314 -37.04 9.79 -18.44
CA GLU A 314 -36.42 11.04 -18.85
C GLU A 314 -36.30 11.12 -20.37
N LYS A 315 -35.92 10.02 -21.02
CA LYS A 315 -35.85 10.02 -22.48
C LYS A 315 -37.22 10.18 -23.11
N ALA A 316 -38.24 9.52 -22.55
CA ALA A 316 -39.58 9.59 -23.12
C ALA A 316 -40.31 10.88 -22.77
N GLN A 317 -39.79 11.67 -21.84
CA GLN A 317 -40.39 12.95 -21.48
C GLN A 317 -39.66 14.14 -22.08
N GLN A 318 -38.36 14.01 -22.35
CA GLN A 318 -37.60 15.14 -22.88
C GLN A 318 -37.93 15.40 -24.35
N ASP A 319 -37.71 14.41 -25.21
CA ASP A 319 -37.95 14.61 -26.64
C ASP A 319 -39.43 14.52 -26.99
N PRO A 320 -40.15 13.43 -26.63
CA PRO A 320 -41.58 13.38 -27.00
C PRO A 320 -42.41 14.48 -26.35
N GLY A 321 -42.08 14.87 -25.13
CA GLY A 321 -42.80 15.96 -24.48
C GLY A 321 -42.36 17.35 -24.89
N SER A 322 -41.19 17.46 -25.53
CA SER A 322 -40.59 18.69 -26.05
C SER A 322 -40.15 19.64 -24.95
N SER A 323 -40.42 19.35 -23.67
CA SER A 323 -39.99 20.17 -22.54
C SER A 323 -40.35 21.64 -22.73
N GLY A 324 -41.58 21.89 -23.18
CA GLY A 324 -42.01 23.25 -23.45
C GLY A 324 -42.11 24.11 -22.21
N VAL A 325 -43.09 23.84 -21.35
CA VAL A 325 -43.20 24.54 -20.09
C VAL A 325 -43.35 23.55 -18.93
N GLY A 326 -44.37 22.70 -18.99
CA GLY A 326 -44.58 21.71 -17.96
C GLY A 326 -45.05 20.34 -18.45
N PRO A 327 -44.56 19.89 -19.61
CA PRO A 327 -45.13 18.67 -20.20
C PRO A 327 -44.91 17.45 -19.31
N GLU A 328 -45.93 16.61 -19.26
CA GLU A 328 -45.92 15.35 -18.48
C GLU A 328 -45.61 15.73 -17.02
N ALA A 329 -44.77 14.97 -16.32
CA ALA A 329 -44.41 15.23 -14.94
C ALA A 329 -43.12 14.50 -14.61
N PRO A 330 -41.95 15.04 -14.99
CA PRO A 330 -40.69 14.32 -14.76
C PRO A 330 -40.37 14.13 -13.29
N VAL A 331 -40.35 12.87 -12.85
CA VAL A 331 -40.01 12.53 -11.48
C VAL A 331 -38.66 11.82 -11.46
N LEU A 332 -37.79 12.23 -10.54
CA LEU A 332 -36.47 11.63 -10.39
C LEU A 332 -36.30 10.85 -9.09
N LYS A 333 -36.85 11.36 -7.99
CA LYS A 333 -36.76 10.74 -6.66
C LYS A 333 -35.28 10.59 -6.33
N SER A 334 -34.80 9.40 -5.97
CA SER A 334 -33.40 9.22 -5.60
C SER A 334 -32.98 7.78 -5.93
N VAL A 335 -31.66 7.57 -6.01
CA VAL A 335 -31.12 6.25 -6.30
C VAL A 335 -31.02 5.37 -5.06
N ALA A 336 -31.56 5.82 -3.92
CA ALA A 336 -31.60 5.07 -2.67
C ALA A 336 -30.21 4.92 -2.07
N GLN A 337 -30.15 4.77 -0.74
CA GLN A 337 -28.90 4.69 -0.01
C GLN A 337 -28.92 3.49 0.93
N PRO A 338 -27.75 2.93 1.25
CA PRO A 338 -27.71 1.87 2.27
C PRO A 338 -28.21 2.39 3.61
N SER A 339 -28.86 1.50 4.35
CA SER A 339 -29.52 1.88 5.59
C SER A 339 -28.51 1.94 6.73
N ARG A 340 -28.88 2.69 7.78
CA ARG A 340 -27.99 2.87 8.93
C ARG A 340 -27.66 1.54 9.59
N ARG A 341 -28.67 0.69 9.77
CA ARG A 341 -28.42 -0.63 10.35
C ARG A 341 -27.45 -1.43 9.49
N TYR A 342 -27.62 -1.36 8.17
CA TYR A 342 -26.59 -1.86 7.27
C TYR A 342 -25.30 -1.08 7.45
N LEU A 343 -25.39 0.25 7.56
CA LEU A 343 -24.20 1.08 7.67
C LEU A 343 -23.38 0.73 8.90
N THR A 344 -24.05 0.56 10.05
CA THR A 344 -23.31 0.23 11.27
C THR A 344 -22.61 -1.11 11.13
N ILE A 345 -23.30 -2.11 10.58
CA ILE A 345 -22.72 -3.44 10.44
C ILE A 345 -21.62 -3.41 9.38
N GLN A 346 -21.80 -2.65 8.30
CA GLN A 346 -20.74 -2.49 7.32
C GLN A 346 -19.50 -1.87 7.95
N LYS A 347 -19.69 -0.84 8.76
CA LYS A 347 -18.54 -0.18 9.39
C LYS A 347 -17.87 -1.09 10.40
N ASN A 348 -18.67 -1.84 11.17
CA ASN A 348 -18.10 -2.78 12.14
C ASN A 348 -17.32 -3.90 11.45
N ARG A 349 -17.88 -4.47 10.39
CA ARG A 349 -17.16 -5.52 9.68
C ARG A 349 -15.89 -4.96 9.05
N ALA A 350 -15.96 -3.76 8.48
CA ALA A 350 -14.78 -3.14 7.89
C ALA A 350 -13.71 -2.91 8.94
N LYS A 351 -14.12 -2.42 10.11
CA LYS A 351 -13.20 -2.32 11.24
C LYS A 351 -12.62 -3.68 11.59
N LEU A 352 -13.39 -4.75 11.41
CA LEU A 352 -12.88 -6.08 11.77
C LEU A 352 -11.84 -6.56 10.77
N GLU A 353 -12.08 -6.42 9.46
CA GLU A 353 -11.03 -6.81 8.53
C GLU A 353 -9.81 -5.91 8.69
N ARG A 354 -10.03 -4.63 8.99
CA ARG A 354 -8.91 -3.76 9.32
C ARG A 354 -8.20 -4.23 10.58
N LYS A 355 -8.94 -4.82 11.52
CA LYS A 355 -8.34 -5.27 12.77
C LYS A 355 -7.43 -6.48 12.53
N ILE A 356 -7.90 -7.46 11.75
CA ILE A 356 -7.00 -8.55 11.35
C ILE A 356 -5.85 -8.02 10.51
N ALA A 357 -6.11 -7.06 9.62
CA ALA A 357 -5.03 -6.48 8.83
C ALA A 357 -3.96 -5.89 9.72
N ARG A 358 -4.37 -5.12 10.73
CA ARG A 358 -3.43 -4.47 11.62
C ARG A 358 -2.74 -5.49 12.54
N ARG A 359 -3.49 -6.46 13.05
CA ARG A 359 -2.90 -7.49 13.90
C ARG A 359 -1.83 -8.26 13.16
N ARG A 360 -2.17 -8.73 11.95
CA ARG A 360 -1.23 -9.48 11.11
C ARG A 360 -0.05 -8.61 10.71
N ASP A 361 -0.31 -7.35 10.37
CA ASP A 361 0.75 -6.45 9.95
C ASP A 361 1.73 -6.18 11.08
N THR A 362 1.21 -5.91 12.28
CA THR A 362 2.09 -5.68 13.43
C THR A 362 2.84 -6.95 13.80
N TYR A 363 2.18 -8.10 13.73
CA TYR A 363 2.85 -9.36 14.07
C TYR A 363 4.01 -9.62 13.12
N TYR A 364 3.78 -9.43 11.82
CA TYR A 364 4.88 -9.60 10.88
C TYR A 364 5.94 -8.52 11.04
N HIS A 365 5.54 -7.30 11.40
CA HIS A 365 6.52 -6.25 11.65
C HIS A 365 7.43 -6.64 12.80
N GLN A 366 6.86 -7.16 13.88
CA GLN A 366 7.65 -7.59 15.03
C GLN A 366 8.56 -8.75 14.65
N VAL A 367 8.04 -9.73 13.91
CA VAL A 367 8.85 -10.89 13.54
C VAL A 367 10.02 -10.47 12.66
N THR A 368 9.74 -9.64 11.66
CA THR A 368 10.79 -9.16 10.77
C THR A 368 11.82 -8.32 11.51
N ALA A 369 11.36 -7.42 12.39
CA ALA A 369 12.28 -6.60 13.15
C ALA A 369 13.18 -7.48 14.02
N GLU A 370 12.62 -8.52 14.63
CA GLU A 370 13.43 -9.43 15.44
C GLU A 370 14.46 -10.16 14.60
N VAL A 371 14.03 -10.74 13.47
CA VAL A 371 14.95 -11.56 12.68
C VAL A 371 15.99 -10.69 11.98
N ALA A 372 15.59 -9.51 11.50
CA ALA A 372 16.50 -8.69 10.70
C ALA A 372 17.73 -8.27 11.50
N GLY A 373 17.54 -7.86 12.75
CA GLY A 373 18.67 -7.45 13.56
C GLY A 373 19.63 -8.58 13.84
N LYS A 374 19.10 -9.76 14.19
CA LYS A 374 19.96 -10.91 14.47
C LYS A 374 20.62 -11.43 13.21
N SER A 375 19.93 -11.37 12.07
CA SER A 375 20.43 -11.95 10.83
C SER A 375 21.48 -11.05 10.21
N SER A 376 22.74 -11.47 10.25
CA SER A 376 23.78 -10.82 9.48
C SER A 376 23.78 -11.28 8.02
N LEU A 377 23.08 -12.38 7.72
CA LEU A 377 23.00 -12.89 6.36
C LEU A 377 21.71 -13.69 6.24
N LEU A 378 20.70 -13.09 5.63
CA LEU A 378 19.43 -13.79 5.43
C LEU A 378 19.57 -14.84 4.35
N ALA A 379 19.03 -16.03 4.63
CA ALA A 379 19.09 -17.17 3.73
C ALA A 379 17.70 -17.72 3.47
N VAL A 380 16.76 -16.83 3.15
CA VAL A 380 15.43 -17.29 2.76
C VAL A 380 15.49 -17.88 1.35
N GLU A 381 14.54 -18.77 1.07
CA GLU A 381 14.53 -19.47 -0.21
C GLU A 381 14.14 -18.56 -1.36
N THR A 382 12.95 -17.99 -1.31
CA THR A 382 12.39 -17.28 -2.45
C THR A 382 11.93 -15.88 -2.04
N LEU A 383 11.88 -15.00 -3.03
CA LEU A 383 11.36 -13.65 -2.86
C LEU A 383 9.95 -13.49 -3.44
N ARG A 384 9.32 -14.59 -3.84
CA ARG A 384 7.96 -14.55 -4.38
C ARG A 384 7.17 -15.69 -3.76
N VAL A 385 5.84 -15.58 -3.85
CA VAL A 385 4.95 -16.63 -3.34
C VAL A 385 4.54 -17.60 -4.43
N LYS A 386 4.72 -17.26 -5.71
CA LYS A 386 4.32 -18.15 -6.79
C LYS A 386 5.16 -19.41 -6.84
N ASN A 387 6.33 -19.42 -6.21
CA ASN A 387 7.15 -20.62 -6.12
C ASN A 387 6.77 -21.47 -4.91
N MET A 388 5.89 -20.98 -4.04
CA MET A 388 5.44 -21.73 -2.87
C MET A 388 4.05 -22.32 -3.04
N LEU A 389 3.33 -21.95 -4.10
CA LEU A 389 1.96 -22.43 -4.32
C LEU A 389 1.89 -23.57 -5.32
N GLN A 390 3.03 -24.07 -5.80
CA GLN A 390 3.02 -25.12 -6.82
C GLN A 390 2.49 -26.43 -6.26
N ASN A 391 2.88 -26.79 -5.03
CA ASN A 391 2.48 -28.07 -4.46
C ASN A 391 1.06 -28.05 -3.88
N HIS A 392 0.45 -26.87 -3.73
CA HIS A 392 -0.94 -26.71 -3.33
C HIS A 392 -1.13 -27.06 -1.86
N ARG A 393 -0.09 -27.58 -1.21
CA ARG A 393 -0.17 -27.83 0.22
C ARG A 393 -0.08 -26.54 1.02
N LEU A 394 0.83 -25.65 0.65
CA LEU A 394 0.98 -24.39 1.35
C LEU A 394 -0.11 -23.40 0.99
N ALA A 395 -0.72 -23.53 -0.20
CA ALA A 395 -1.69 -22.56 -0.65
C ALA A 395 -2.86 -22.43 0.30
N PHE A 396 -3.28 -23.54 0.93
CA PHE A 396 -4.43 -23.51 1.82
C PHE A 396 -4.17 -22.64 3.05
N ALA A 397 -2.92 -22.52 3.47
CA ALA A 397 -2.57 -21.69 4.63
C ALA A 397 -2.14 -20.29 4.22
N LEU A 398 -1.29 -20.17 3.19
CA LEU A 398 -0.86 -18.87 2.72
C LEU A 398 -1.97 -18.07 2.06
N SER A 399 -3.09 -18.69 1.69
CA SER A 399 -4.25 -17.93 1.26
C SER A 399 -4.76 -17.06 2.41
N ASP A 400 -4.83 -17.62 3.61
CA ASP A 400 -5.25 -16.88 4.79
C ASP A 400 -4.15 -16.01 5.36
N ALA A 401 -2.89 -16.42 5.23
CA ALA A 401 -1.74 -15.67 5.73
C ALA A 401 -0.95 -15.15 4.52
N ALA A 402 -1.14 -13.86 4.21
CA ALA A 402 -0.54 -13.26 3.03
C ALA A 402 0.96 -13.13 3.25
N MET A 403 1.71 -14.07 2.66
CA MET A 403 3.14 -14.14 2.91
C MET A 403 3.93 -13.16 2.04
N SER A 404 3.33 -12.62 0.98
CA SER A 404 4.04 -11.66 0.15
C SER A 404 4.32 -10.37 0.92
N ASP A 405 3.42 -9.98 1.82
CA ASP A 405 3.70 -8.86 2.71
C ASP A 405 4.89 -9.15 3.61
N PHE A 406 5.00 -10.39 4.08
CA PHE A 406 6.18 -10.81 4.82
C PHE A 406 7.44 -10.70 3.96
N ILE A 407 7.33 -11.09 2.69
CA ILE A 407 8.48 -10.98 1.78
C ILE A 407 8.91 -9.52 1.66
N SER A 408 7.94 -8.62 1.47
CA SER A 408 8.26 -7.21 1.33
C SER A 408 8.87 -6.64 2.62
N LYS A 409 8.32 -7.01 3.77
CA LYS A 409 8.85 -6.51 5.04
C LYS A 409 10.28 -6.98 5.26
N LEU A 410 10.56 -8.27 4.99
CA LEU A 410 11.94 -8.74 5.05
C LEU A 410 12.81 -7.98 4.06
N LYS A 411 12.27 -7.70 2.87
CA LYS A 411 13.07 -7.03 1.84
C LYS A 411 13.49 -5.63 2.27
N TYR A 412 12.57 -4.84 2.85
CA TYR A 412 13.02 -3.48 3.16
C TYR A 412 13.56 -3.35 4.57
N LYS A 413 13.44 -4.38 5.42
CA LYS A 413 14.15 -4.35 6.70
C LYS A 413 15.51 -5.02 6.63
N ALA A 414 15.78 -5.78 5.56
CA ALA A 414 17.14 -6.21 5.29
C ALA A 414 17.95 -5.18 4.52
N ARG A 415 17.29 -4.15 3.98
CA ARG A 415 17.99 -3.15 3.19
C ARG A 415 18.48 -1.97 4.03
N ARG A 416 17.76 -1.61 5.09
CA ARG A 416 18.18 -0.46 5.88
C ARG A 416 19.44 -0.75 6.68
N ILE A 417 19.72 -2.02 6.99
CA ILE A 417 21.01 -2.41 7.54
C ILE A 417 21.93 -2.97 6.46
N GLN A 418 21.47 -3.01 5.21
CA GLN A 418 22.18 -3.67 4.11
C GLN A 418 22.41 -5.15 4.41
N VAL A 419 21.47 -5.77 5.11
CA VAL A 419 21.53 -7.21 5.38
C VAL A 419 21.27 -7.93 4.06
N PRO A 420 22.19 -8.77 3.60
CA PRO A 420 21.97 -9.49 2.34
C PRO A 420 20.80 -10.45 2.45
N LEU A 421 20.08 -10.61 1.35
CA LEU A 421 18.94 -11.54 1.25
C LEU A 421 19.17 -12.37 0.00
N VAL A 422 19.83 -13.51 0.16
CA VAL A 422 20.15 -14.39 -0.96
C VAL A 422 19.00 -15.37 -1.16
N ALA A 423 18.51 -15.47 -2.39
CA ALA A 423 17.39 -16.32 -2.73
C ALA A 423 17.86 -17.42 -3.69
N ILE A 424 17.33 -18.62 -3.50
CA ILE A 424 17.66 -19.77 -4.34
C ILE A 424 16.38 -20.44 -4.80
N GLY A 425 16.48 -21.18 -5.90
CA GLY A 425 15.32 -21.84 -6.44
C GLY A 425 14.82 -22.96 -5.53
N THR A 426 13.52 -23.23 -5.64
CA THR A 426 12.88 -24.26 -4.81
C THR A 426 12.80 -25.57 -5.60
N PHE A 427 13.98 -26.11 -5.91
CA PHE A 427 14.10 -27.36 -6.63
C PHE A 427 15.13 -28.31 -6.04
N GLN A 428 15.95 -27.85 -5.09
CA GLN A 428 17.00 -28.68 -4.53
C GLN A 428 16.41 -29.76 -3.62
N PRO A 429 17.12 -30.87 -3.44
CA PRO A 429 16.67 -31.89 -2.48
C PRO A 429 16.85 -31.43 -1.04
N SER A 430 16.15 -30.37 -0.64
CA SER A 430 16.29 -29.84 0.71
C SER A 430 15.82 -30.84 1.75
N SER A 431 14.68 -31.50 1.49
CA SER A 431 14.15 -32.46 2.46
C SER A 431 14.96 -33.75 2.45
N GLN A 432 15.35 -34.23 1.27
CA GLN A 432 16.06 -35.50 1.18
C GLN A 432 17.40 -35.45 1.91
N THR A 433 18.15 -34.36 1.74
CA THR A 433 19.48 -34.26 2.33
C THR A 433 19.40 -34.10 3.85
N CYS A 434 20.53 -34.38 4.50
CA CYS A 434 20.65 -34.32 5.95
C CYS A 434 21.50 -33.13 6.36
N SER A 435 21.40 -32.77 7.64
CA SER A 435 22.16 -31.64 8.15
C SER A 435 23.62 -31.99 8.38
N VAL A 436 23.93 -33.26 8.59
CA VAL A 436 25.30 -33.66 8.92
C VAL A 436 26.06 -34.02 7.65
N CYS A 437 25.58 -35.04 6.93
CA CYS A 437 26.28 -35.55 5.76
C CYS A 437 25.55 -35.28 4.44
N GLY A 438 24.30 -34.83 4.50
CA GLY A 438 23.57 -34.57 3.27
C GLY A 438 23.11 -35.81 2.53
N SER A 439 22.98 -36.94 3.21
CA SER A 439 22.51 -38.15 2.56
C SER A 439 21.10 -37.97 2.04
N ILE A 440 20.86 -38.42 0.81
CA ILE A 440 19.59 -38.20 0.13
C ILE A 440 18.61 -39.29 0.54
N ASN A 441 17.48 -38.89 1.10
CA ASN A 441 16.41 -39.82 1.48
C ASN A 441 15.10 -39.37 0.84
N PRO A 442 14.63 -40.04 -0.22
CA PRO A 442 13.38 -39.60 -0.87
C PRO A 442 12.15 -39.68 0.02
N ALA A 443 12.19 -40.50 1.08
CA ALA A 443 11.01 -40.67 1.94
C ALA A 443 10.67 -39.41 2.71
N VAL A 444 11.61 -38.47 2.87
CA VAL A 444 11.37 -37.25 3.62
C VAL A 444 10.55 -36.23 2.83
N LYS A 445 10.40 -36.43 1.53
CA LYS A 445 9.73 -35.44 0.69
C LYS A 445 8.32 -35.13 1.18
N ASN A 446 7.60 -36.15 1.66
CA ASN A 446 6.26 -35.93 2.19
C ASN A 446 6.32 -35.08 3.44
N LEU A 447 5.35 -34.17 3.58
CA LEU A 447 5.36 -33.22 4.68
C LEU A 447 5.05 -33.89 6.02
N SER A 448 4.27 -34.98 5.99
CA SER A 448 3.78 -35.58 7.23
C SER A 448 4.89 -36.07 8.15
N ILE A 449 6.08 -36.32 7.62
CA ILE A 449 7.19 -36.81 8.44
C ILE A 449 7.71 -35.66 9.30
N ARG A 450 7.72 -35.86 10.62
CA ARG A 450 8.24 -34.90 11.56
C ARG A 450 9.55 -35.33 12.20
N VAL A 451 9.69 -36.61 12.53
CA VAL A 451 10.91 -37.16 13.09
C VAL A 451 11.33 -38.35 12.25
N TRP A 452 12.61 -38.39 11.86
CA TRP A 452 13.14 -39.46 11.02
C TRP A 452 14.61 -39.63 11.36
N THR A 453 14.95 -40.72 12.03
CA THR A 453 16.34 -40.97 12.44
C THR A 453 17.15 -41.36 11.21
N CYS A 454 18.16 -40.54 10.89
CA CYS A 454 19.01 -40.83 9.74
C CYS A 454 19.82 -42.10 10.02
N PRO A 455 19.90 -43.02 9.07
CA PRO A 455 20.59 -44.29 9.33
C PRO A 455 22.06 -44.13 9.68
N ASN A 456 22.74 -43.14 9.11
CA ASN A 456 24.20 -43.09 9.26
C ASN A 456 24.63 -42.47 10.59
N CYS A 457 24.38 -41.17 10.79
CA CYS A 457 24.82 -40.52 12.01
C CYS A 457 23.85 -39.44 12.50
N GLY A 458 22.60 -39.47 12.06
CA GLY A 458 21.65 -38.40 12.32
C GLY A 458 20.38 -38.92 12.96
N THR A 459 19.71 -38.04 13.71
CA THR A 459 18.40 -38.32 14.28
C THR A 459 17.28 -37.48 13.69
N ARG A 460 17.58 -36.24 13.31
CA ARG A 460 16.67 -35.36 12.57
C ARG A 460 15.28 -35.32 13.20
N HIS A 461 15.22 -34.78 14.42
CA HIS A 461 13.96 -34.62 15.10
C HIS A 461 13.12 -33.48 14.55
N ASN A 462 13.71 -32.61 13.73
CA ASN A 462 12.98 -31.49 13.13
C ASN A 462 13.47 -31.31 11.70
N ARG A 463 12.53 -31.35 10.74
CA ARG A 463 12.89 -31.08 9.36
C ARG A 463 13.21 -29.61 9.12
N ASP A 464 12.52 -28.72 9.85
CA ASP A 464 12.68 -27.28 9.60
C ASP A 464 14.12 -26.83 9.85
N ILE A 465 14.73 -27.31 10.94
CA ILE A 465 16.12 -26.96 11.22
C ILE A 465 17.03 -27.52 10.13
N ASN A 466 16.79 -28.75 9.71
CA ASN A 466 17.61 -29.36 8.66
C ASN A 466 17.49 -28.58 7.35
N ALA A 467 16.27 -28.21 6.97
CA ALA A 467 16.08 -27.49 5.71
C ALA A 467 16.75 -26.12 5.75
N ALA A 468 16.60 -25.40 6.88
CA ALA A 468 17.26 -24.10 7.00
C ALA A 468 18.77 -24.24 6.98
N LYS A 469 19.30 -25.29 7.62
CA LYS A 469 20.74 -25.54 7.58
C LYS A 469 21.21 -25.79 6.15
N ASN A 470 20.46 -26.60 5.39
CA ASN A 470 20.85 -26.86 4.00
C ASN A 470 20.80 -25.59 3.17
N ILE A 471 19.77 -24.77 3.36
CA ILE A 471 19.67 -23.53 2.58
C ILE A 471 20.81 -22.58 2.91
N LEU A 472 21.13 -22.45 4.20
CA LEU A 472 22.24 -21.58 4.61
C LEU A 472 23.55 -22.10 4.06
N ALA A 473 23.76 -23.42 4.08
CA ALA A 473 24.99 -23.99 3.54
C ALA A 473 25.09 -23.74 2.03
N ILE A 474 23.97 -23.87 1.32
CA ILE A 474 23.98 -23.60 -0.12
C ILE A 474 24.29 -22.13 -0.39
N ALA A 475 23.70 -21.22 0.40
CA ALA A 475 23.95 -19.80 0.23
C ALA A 475 25.42 -19.47 0.49
N GLN A 476 26.01 -20.10 1.51
CA GLN A 476 27.44 -19.91 1.76
C GLN A 476 28.28 -20.47 0.63
N ASN A 477 27.92 -21.65 0.11
CA ASN A 477 28.72 -22.29 -0.93
C ASN A 477 28.70 -21.49 -2.23
N MET A 478 27.53 -20.96 -2.61
CA MET A 478 27.48 -20.13 -3.81
C MET A 478 28.28 -18.84 -3.63
N LEU A 479 28.36 -18.33 -2.40
CA LEU A 479 29.24 -17.21 -2.12
C LEU A 479 30.71 -17.63 -2.22
N GLU A 480 31.02 -18.86 -1.78
CA GLU A 480 32.40 -19.33 -1.85
C GLU A 480 32.89 -19.42 -3.29
N LYS A 481 32.05 -19.95 -4.18
CA LYS A 481 32.39 -20.05 -5.60
C LYS A 481 31.25 -19.47 -6.41
N LYS A 482 31.54 -18.37 -7.12
CA LYS A 482 30.51 -17.68 -7.87
C LYS A 482 29.98 -18.54 -9.01
N VAL A 483 28.67 -18.51 -9.21
CA VAL A 483 28.04 -19.29 -10.26
C VAL A 483 27.74 -18.40 -11.46
#